data_2V90
#
_entry.id   2V90
#
_cell.length_a   48.150
_cell.length_b   97.950
_cell.length_c   59.500
_cell.angle_alpha   90.00
_cell.angle_beta   99.59
_cell.angle_gamma   90.00
#
_symmetry.space_group_name_H-M   'P 1 21 1'
#
loop_
_entity.id
_entity.type
_entity.pdbx_description
1 polymer 'PDZ DOMAIN-CONTAINING PROTEIN 3'
2 non-polymer 'SULFATE ION'
3 water water
#
_entity_poly.entity_id   1
_entity_poly.type   'polypeptide(L)'
_entity_poly.pdbx_seq_one_letter_code
;SMKPRCLHLEKGPQGFGFLLREEKGLDGRPGQFLWEVDPGLPAKKAGMQAGDRLVAVAGESVEGLGHEETVSRIQGQGSC
VSLTVVDPEADRETSV
;
_entity_poly.pdbx_strand_id   A,B,C,D,E,F
#
loop_
_chem_comp.id
_chem_comp.type
_chem_comp.name
_chem_comp.formula
SO4 non-polymer 'SULFATE ION' 'O4 S -2'
#
# COMPACT_ATOMS: atom_id res chain seq x y z
N MET A 2 -9.66 -18.94 -46.76
CA MET A 2 -10.06 -19.29 -45.37
C MET A 2 -11.00 -20.53 -45.33
N LYS A 3 -10.73 -21.45 -44.43
CA LYS A 3 -11.56 -22.63 -44.26
C LYS A 3 -12.78 -22.25 -43.44
N PRO A 4 -13.98 -22.59 -43.92
CA PRO A 4 -15.20 -22.27 -43.17
C PRO A 4 -15.21 -22.88 -41.77
N ARG A 5 -15.87 -22.17 -40.83
CA ARG A 5 -16.03 -22.64 -39.47
C ARG A 5 -17.50 -22.68 -39.15
N CYS A 6 -17.93 -23.75 -38.48
CA CYS A 6 -19.33 -23.92 -38.13
C CYS A 6 -19.49 -23.67 -36.63
N LEU A 7 -20.20 -22.60 -36.30
CA LEU A 7 -20.43 -22.16 -34.93
C LEU A 7 -21.86 -22.50 -34.57
N HIS A 8 -22.08 -22.79 -33.28
CA HIS A 8 -23.39 -23.17 -32.75
C HIS A 8 -23.68 -22.18 -31.66
N LEU A 9 -24.76 -21.42 -31.82
CA LEU A 9 -25.08 -20.31 -30.94
C LEU A 9 -26.36 -20.65 -30.21
N GLU A 10 -26.45 -20.17 -28.99
CA GLU A 10 -27.67 -20.31 -28.23
C GLU A 10 -28.11 -18.91 -27.85
N LYS A 11 -29.39 -18.67 -28.02
CA LYS A 11 -29.92 -17.34 -28.01
C LYS A 11 -30.18 -17.01 -26.57
N GLY A 12 -30.01 -15.75 -26.23
CA GLY A 12 -30.30 -15.30 -24.89
C GLY A 12 -31.33 -14.19 -24.96
N PRO A 13 -31.61 -13.55 -23.82
CA PRO A 13 -32.64 -12.52 -23.76
C PRO A 13 -32.44 -11.35 -24.72
N GLN A 14 -31.20 -11.10 -25.15
CA GLN A 14 -30.93 -9.94 -26.01
C GLN A 14 -30.60 -10.35 -27.45
N GLY A 15 -30.95 -11.58 -27.82
CA GLY A 15 -30.68 -12.15 -29.11
C GLY A 15 -29.37 -12.90 -29.19
N PHE A 16 -28.89 -13.03 -30.42
CA PHE A 16 -27.59 -13.62 -30.71
C PHE A 16 -26.43 -12.65 -30.57
N GLY A 17 -26.66 -11.37 -30.85
CA GLY A 17 -25.63 -10.33 -30.73
C GLY A 17 -24.73 -10.13 -31.95
N PHE A 18 -25.34 -10.02 -33.12
CA PHE A 18 -24.59 -9.61 -34.30
C PHE A 18 -25.45 -8.80 -35.23
N LEU A 19 -24.79 -7.91 -35.99
CA LEU A 19 -25.44 -7.19 -37.09
C LEU A 19 -25.11 -7.86 -38.44
N LEU A 20 -26.15 -8.36 -39.13
CA LEU A 20 -26.01 -8.86 -40.50
C LEU A 20 -26.26 -7.77 -41.50
N ARG A 21 -25.29 -7.58 -42.39
CA ARG A 21 -25.44 -6.63 -43.46
C ARG A 21 -25.20 -7.27 -44.85
N GLU A 22 -26.06 -6.95 -45.80
CA GLU A 22 -25.82 -7.41 -47.18
C GLU A 22 -24.75 -6.50 -47.84
N GLU A 23 -23.85 -7.11 -48.62
CA GLU A 23 -23.11 -6.43 -49.67
C GLU A 23 -23.27 -7.18 -50.98
N LYS A 24 -23.57 -6.44 -52.03
CA LYS A 24 -23.62 -7.03 -53.36
C LYS A 24 -22.25 -6.96 -53.97
N GLY A 25 -21.94 -7.98 -54.77
CA GLY A 25 -20.79 -7.87 -55.64
C GLY A 25 -20.96 -6.79 -56.69
N LEU A 26 -19.86 -6.54 -57.38
CA LEU A 26 -19.85 -5.73 -58.58
C LEU A 26 -20.82 -6.32 -59.61
N ASP A 27 -21.03 -7.62 -59.57
CA ASP A 27 -22.01 -8.30 -60.44
C ASP A 27 -23.44 -8.31 -59.89
N GLY A 28 -23.67 -7.61 -58.76
CA GLY A 28 -25.01 -7.50 -58.16
C GLY A 28 -25.38 -8.65 -57.23
N ARG A 29 -24.57 -9.72 -57.19
CA ARG A 29 -24.92 -10.89 -56.35
C ARG A 29 -24.78 -10.64 -54.87
N PRO A 30 -25.85 -10.89 -54.09
CA PRO A 30 -25.69 -10.58 -52.68
C PRO A 30 -24.86 -11.59 -51.86
N GLY A 31 -24.08 -11.05 -50.94
CA GLY A 31 -23.43 -11.79 -49.86
C GLY A 31 -23.86 -11.15 -48.55
N GLN A 32 -23.91 -11.97 -47.51
CA GLN A 32 -24.33 -11.50 -46.17
C GLN A 32 -23.16 -11.54 -45.24
N PHE A 33 -22.90 -10.41 -44.57
CA PHE A 33 -21.71 -10.29 -43.68
C PHE A 33 -22.08 -9.97 -42.25
N LEU A 34 -21.33 -10.55 -41.33
CA LEU A 34 -21.47 -10.26 -39.90
C LEU A 34 -20.65 -9.05 -39.69
N TRP A 35 -21.34 -7.92 -39.62
CA TRP A 35 -20.74 -6.58 -39.71
C TRP A 35 -20.21 -6.11 -38.41
N GLU A 36 -20.94 -6.41 -37.33
CA GLU A 36 -20.50 -6.15 -35.99
C GLU A 36 -20.92 -7.32 -35.14
N VAL A 37 -20.07 -7.67 -34.17
CA VAL A 37 -20.41 -8.71 -33.20
C VAL A 37 -20.33 -8.11 -31.82
N ASP A 38 -21.44 -8.10 -31.10
CA ASP A 38 -21.50 -7.47 -29.77
C ASP A 38 -20.70 -8.25 -28.71
N PRO A 39 -19.82 -7.56 -27.97
CA PRO A 39 -19.15 -8.19 -26.84
C PRO A 39 -20.17 -8.78 -25.85
N GLY A 40 -19.84 -9.92 -25.26
CA GLY A 40 -20.61 -10.47 -24.15
C GLY A 40 -21.91 -11.17 -24.52
N LEU A 41 -22.16 -11.35 -25.82
CA LEU A 41 -23.37 -12.01 -26.27
C LEU A 41 -23.00 -13.27 -27.06
N PRO A 42 -23.99 -14.12 -27.31
CA PRO A 42 -23.68 -15.47 -27.75
C PRO A 42 -22.80 -15.60 -28.96
N ALA A 43 -22.99 -14.73 -29.96
CA ALA A 43 -22.20 -14.78 -31.17
C ALA A 43 -20.75 -14.64 -30.83
N LYS A 44 -20.41 -13.53 -30.17
CA LYS A 44 -19.02 -13.27 -29.73
C LYS A 44 -18.43 -14.41 -28.93
N LYS A 45 -19.16 -14.88 -27.94
CA LYS A 45 -18.67 -15.89 -27.02
C LYS A 45 -18.52 -17.23 -27.73
N ALA A 46 -19.30 -17.42 -28.78
CA ALA A 46 -19.20 -18.61 -29.62
C ALA A 46 -18.15 -18.46 -30.74
N GLY A 47 -17.34 -17.41 -30.64
CA GLY A 47 -16.18 -17.21 -31.52
C GLY A 47 -16.35 -16.48 -32.85
N MET A 48 -17.52 -15.89 -33.10
CA MET A 48 -17.77 -15.14 -34.34
C MET A 48 -16.97 -13.85 -34.37
N GLN A 49 -16.48 -13.48 -35.55
CA GLN A 49 -15.67 -12.27 -35.76
C GLN A 49 -16.37 -11.27 -36.66
N ALA A 50 -16.29 -9.99 -36.32
CA ALA A 50 -16.74 -8.93 -37.23
C ALA A 50 -16.00 -9.09 -38.54
N GLY A 51 -16.72 -8.94 -39.64
CA GLY A 51 -16.16 -9.26 -40.95
C GLY A 51 -16.35 -10.69 -41.44
N ASP A 52 -16.90 -11.57 -40.61
CA ASP A 52 -17.20 -12.93 -41.08
C ASP A 52 -18.22 -12.86 -42.24
N ARG A 53 -18.03 -13.68 -43.24
CA ARG A 53 -19.04 -13.87 -44.25
C ARG A 53 -19.88 -15.06 -43.82
N LEU A 54 -21.20 -14.90 -43.82
CA LEU A 54 -22.12 -16.03 -43.52
C LEU A 54 -22.42 -16.87 -44.77
N VAL A 55 -21.98 -18.14 -44.75
CA VAL A 55 -22.12 -19.01 -45.93
C VAL A 55 -23.16 -20.11 -45.77
N ALA A 56 -23.51 -20.48 -44.54
CA ALA A 56 -24.59 -21.48 -44.32
C ALA A 56 -25.31 -21.25 -43.01
N VAL A 57 -26.61 -21.56 -42.99
CA VAL A 57 -27.45 -21.51 -41.76
C VAL A 57 -28.11 -22.90 -41.64
N ALA A 58 -28.00 -23.50 -40.44
CA ALA A 58 -28.63 -24.79 -40.22
C ALA A 58 -28.20 -25.77 -41.28
N GLY A 59 -26.96 -25.67 -41.73
CA GLY A 59 -26.40 -26.61 -42.73
C GLY A 59 -26.76 -26.32 -44.19
N GLU A 60 -27.54 -25.29 -44.45
CA GLU A 60 -27.97 -25.02 -45.83
C GLU A 60 -27.31 -23.77 -46.31
N SER A 61 -26.84 -23.78 -47.56
CA SER A 61 -26.08 -22.64 -48.04
C SER A 61 -26.93 -21.37 -48.13
N VAL A 62 -26.33 -20.26 -47.71
CA VAL A 62 -26.94 -18.97 -47.97
C VAL A 62 -26.09 -18.16 -48.97
N GLU A 63 -25.22 -18.84 -49.71
CA GLU A 63 -24.42 -18.19 -50.73
C GLU A 63 -25.35 -17.71 -51.85
N GLY A 64 -25.19 -16.46 -52.26
CA GLY A 64 -26.01 -15.89 -53.32
C GLY A 64 -27.43 -15.53 -52.93
N LEU A 65 -27.79 -15.70 -51.65
CA LEU A 65 -29.12 -15.44 -51.15
C LEU A 65 -29.24 -14.02 -50.62
N GLY A 66 -30.45 -13.47 -50.75
CA GLY A 66 -30.74 -12.10 -50.31
C GLY A 66 -30.87 -12.01 -48.81
N HIS A 67 -31.13 -10.79 -48.33
CA HIS A 67 -31.03 -10.47 -46.91
C HIS A 67 -32.22 -10.96 -46.07
N GLU A 68 -33.41 -10.57 -46.47
CA GLU A 68 -34.64 -11.06 -45.81
C GLU A 68 -34.67 -12.61 -45.78
N GLU A 69 -34.30 -13.26 -46.88
CA GLU A 69 -34.23 -14.71 -46.95
C GLU A 69 -33.23 -15.34 -45.97
N THR A 70 -32.09 -14.68 -45.74
CA THR A 70 -31.07 -15.20 -44.83
C THR A 70 -31.47 -14.99 -43.42
N VAL A 71 -31.96 -13.79 -43.10
CA VAL A 71 -32.54 -13.53 -41.81
C VAL A 71 -33.66 -14.58 -41.48
N SER A 72 -34.58 -14.84 -42.41
CA SER A 72 -35.71 -15.72 -42.10
C SER A 72 -35.17 -17.11 -41.75
N ARG A 73 -34.13 -17.52 -42.45
CA ARG A 73 -33.50 -18.80 -42.17
C ARG A 73 -32.87 -18.85 -40.80
N ILE A 74 -32.23 -17.76 -40.36
CA ILE A 74 -31.66 -17.71 -39.00
C ILE A 74 -32.77 -17.76 -37.97
N GLN A 75 -33.81 -16.94 -38.20
CA GLN A 75 -35.01 -16.90 -37.30
C GLN A 75 -35.76 -18.24 -37.21
N GLY A 76 -35.71 -18.99 -38.30
CA GLY A 76 -36.46 -20.23 -38.41
C GLY A 76 -35.89 -21.30 -37.51
N GLN A 77 -34.68 -21.08 -37.00
CA GLN A 77 -34.01 -22.07 -36.16
C GLN A 77 -34.25 -21.89 -34.67
N GLY A 78 -34.90 -20.79 -34.29
CA GLY A 78 -35.33 -20.58 -32.93
C GLY A 78 -34.17 -20.29 -32.01
N SER A 79 -34.16 -20.96 -30.85
CA SER A 79 -33.22 -20.65 -29.76
C SER A 79 -31.79 -21.09 -30.05
N CYS A 80 -31.64 -22.16 -30.83
CA CYS A 80 -30.32 -22.68 -31.21
C CYS A 80 -30.14 -22.68 -32.70
N VAL A 81 -29.00 -22.16 -33.15
CA VAL A 81 -28.71 -22.04 -34.57
C VAL A 81 -27.25 -22.37 -34.86
N SER A 82 -27.07 -23.21 -35.87
CA SER A 82 -25.80 -23.44 -36.52
C SER A 82 -25.54 -22.36 -37.58
N LEU A 83 -24.37 -21.74 -37.55
CA LEU A 83 -23.96 -20.76 -38.56
C LEU A 83 -22.59 -21.13 -39.08
N THR A 84 -22.44 -21.18 -40.40
CA THR A 84 -21.12 -21.41 -40.98
C THR A 84 -20.57 -20.16 -41.59
N VAL A 85 -19.35 -19.81 -41.18
CA VAL A 85 -18.75 -18.57 -41.60
C VAL A 85 -17.42 -18.77 -42.26
N VAL A 86 -17.01 -17.76 -43.04
CA VAL A 86 -15.66 -17.65 -43.56
C VAL A 86 -15.04 -16.41 -42.92
N ASP A 87 -14.00 -16.60 -42.12
CA ASP A 87 -13.38 -15.50 -41.43
C ASP A 87 -12.61 -14.60 -42.36
N PRO A 88 -12.53 -13.31 -42.01
CA PRO A 88 -11.69 -12.35 -42.72
C PRO A 88 -10.21 -12.46 -42.31
N GLU A 89 -9.37 -11.69 -42.97
CA GLU A 89 -8.03 -11.34 -42.45
C GLU A 89 -8.10 -10.05 -41.59
N ALA A 90 -8.11 -10.22 -40.27
CA ALA A 90 -8.42 -9.11 -39.34
C ALA A 90 -7.40 -7.96 -39.30
N ASP A 91 -6.21 -8.19 -39.87
CA ASP A 91 -5.19 -7.14 -40.10
C ASP A 91 -5.39 -6.32 -41.39
N ARG A 92 -6.35 -6.70 -42.23
CA ARG A 92 -6.66 -5.99 -43.48
C ARG A 92 -7.80 -5.01 -43.24
N GLU A 93 -7.60 -4.14 -42.26
CA GLU A 93 -8.49 -3.02 -41.93
C GLU A 93 -7.60 -1.87 -41.54
N THR A 94 -7.98 -0.65 -41.95
CA THR A 94 -7.19 0.53 -41.68
C THR A 94 -8.13 1.71 -41.46
N SER A 95 -7.91 2.44 -40.36
CA SER A 95 -8.56 3.71 -40.12
C SER A 95 -7.78 4.83 -40.80
N VAL A 96 -8.43 5.55 -41.72
CA VAL A 96 -7.84 6.65 -42.47
C VAL A 96 -8.55 7.98 -42.12
N MET B 2 20.73 -4.85 3.03
CA MET B 2 20.54 -5.43 4.40
C MET B 2 19.65 -6.68 4.38
N LYS B 3 19.96 -7.63 5.25
CA LYS B 3 19.16 -8.84 5.40
C LYS B 3 17.94 -8.47 6.23
N PRO B 4 16.73 -8.75 5.73
CA PRO B 4 15.53 -8.44 6.49
C PRO B 4 15.46 -9.11 7.86
N ARG B 5 14.90 -8.39 8.84
CA ARG B 5 14.69 -8.89 10.20
C ARG B 5 13.21 -8.90 10.55
N CYS B 6 12.76 -10.05 11.04
CA CYS B 6 11.39 -10.21 11.45
C CYS B 6 11.30 -10.05 12.96
N LEU B 7 10.55 -9.06 13.40
CA LEU B 7 10.41 -8.76 14.81
C LEU B 7 8.96 -9.01 15.18
N HIS B 8 8.76 -9.34 16.45
CA HIS B 8 7.44 -9.68 16.96
C HIS B 8 7.18 -8.75 18.13
N LEU B 9 6.20 -7.85 17.95
CA LEU B 9 5.87 -6.86 18.95
C LEU B 9 4.57 -7.19 19.65
N GLU B 10 4.45 -6.70 20.87
CA GLU B 10 3.26 -6.87 21.67
C GLU B 10 2.72 -5.48 22.04
N LYS B 11 1.47 -5.24 21.69
CA LYS B 11 0.86 -3.94 21.88
C LYS B 11 0.60 -3.71 23.38
N GLY B 12 0.89 -2.50 23.86
CA GLY B 12 0.49 -2.09 25.19
C GLY B 12 -0.56 -1.01 25.08
N PRO B 13 -0.91 -0.38 26.21
CA PRO B 13 -1.91 0.70 26.25
C PRO B 13 -1.68 1.86 25.26
N GLN B 14 -0.48 2.00 24.73
CA GLN B 14 -0.13 3.14 23.89
C GLN B 14 0.30 2.75 22.48
N GLY B 15 -0.17 1.60 22.02
CA GLY B 15 0.19 1.07 20.73
C GLY B 15 1.56 0.43 20.69
N PHE B 16 2.13 0.38 19.49
CA PHE B 16 3.39 -0.28 19.24
C PHE B 16 4.60 0.68 19.31
N GLY B 17 4.33 1.97 19.15
CA GLY B 17 5.32 3.00 19.28
C GLY B 17 6.13 3.32 18.05
N PHE B 18 5.48 3.45 16.90
CA PHE B 18 6.18 3.92 15.71
C PHE B 18 5.30 4.70 14.76
N LEU B 19 5.92 5.65 14.06
CA LEU B 19 5.32 6.36 12.94
C LEU B 19 5.67 5.66 11.60
N LEU B 20 4.66 5.30 10.86
CA LEU B 20 4.81 4.72 9.50
C LEU B 20 4.50 5.80 8.50
N ARG B 21 5.42 6.01 7.56
CA ARG B 21 5.22 7.04 6.55
C ARG B 21 5.51 6.48 5.18
N GLU B 22 4.64 6.80 4.22
CA GLU B 22 4.87 6.41 2.82
C GLU B 22 5.87 7.34 2.15
N GLU B 23 6.79 6.76 1.38
CA GLU B 23 7.55 7.50 0.40
C GLU B 23 7.37 6.82 -0.93
N LYS B 24 7.02 7.60 -1.95
CA LYS B 24 6.95 7.08 -3.31
C LYS B 24 8.31 7.11 -3.98
N GLY B 25 8.53 6.08 -4.80
CA GLY B 25 9.66 6.06 -5.68
C GLY B 25 9.55 7.18 -6.69
N LEU B 26 10.65 7.37 -7.39
CA LEU B 26 10.72 8.23 -8.53
C LEU B 26 9.77 7.72 -9.61
N ASP B 27 9.50 6.40 -9.61
CA ASP B 27 8.51 5.79 -10.51
C ASP B 27 7.07 5.68 -9.96
N GLY B 28 6.84 6.30 -8.81
CA GLY B 28 5.51 6.41 -8.24
C GLY B 28 5.17 5.32 -7.24
N ARG B 29 5.97 4.25 -7.21
CA ARG B 29 5.63 3.08 -6.42
C ARG B 29 5.86 3.37 -4.96
N PRO B 30 4.83 3.10 -4.12
CA PRO B 30 4.94 3.39 -2.72
C PRO B 30 5.75 2.41 -1.89
N GLY B 31 6.47 2.98 -0.92
CA GLY B 31 7.12 2.21 0.10
C GLY B 31 6.69 2.77 1.46
N GLN B 32 6.78 1.96 2.50
CA GLN B 32 6.33 2.38 3.84
C GLN B 32 7.55 2.31 4.75
N PHE B 33 7.82 3.41 5.46
CA PHE B 33 9.05 3.53 6.26
C PHE B 33 8.69 3.83 7.69
N LEU B 34 9.45 3.23 8.59
CA LEU B 34 9.35 3.54 10.02
C LEU B 34 10.08 4.81 10.16
N TRP B 35 9.33 5.90 10.17
CA TRP B 35 9.91 7.20 10.15
C TRP B 35 10.52 7.50 11.50
N GLU B 36 9.81 7.12 12.56
CA GLU B 36 10.21 7.39 13.92
C GLU B 36 9.78 6.26 14.83
N VAL B 37 10.63 5.93 15.81
CA VAL B 37 10.42 4.81 16.70
C VAL B 37 10.53 5.33 18.13
N ASP B 38 9.44 5.30 18.89
CA ASP B 38 9.41 5.93 20.21
C ASP B 38 10.13 5.12 21.26
N PRO B 39 10.97 5.77 22.09
CA PRO B 39 11.63 5.11 23.21
C PRO B 39 10.66 4.53 24.25
N GLY B 40 11.02 3.38 24.83
CA GLY B 40 10.25 2.75 25.91
C GLY B 40 8.94 2.08 25.53
N LEU B 41 8.66 2.06 24.23
CA LEU B 41 7.48 1.37 23.74
C LEU B 41 7.92 0.13 22.94
N PRO B 42 7.01 -0.81 22.67
CA PRO B 42 7.39 -2.13 22.11
C PRO B 42 8.29 -2.12 20.88
N ALA B 43 8.00 -1.26 19.90
CA ALA B 43 8.79 -1.24 18.69
C ALA B 43 10.27 -0.98 19.01
N LYS B 44 10.54 0.11 19.74
CA LYS B 44 11.89 0.37 20.18
C LYS B 44 12.46 -0.83 20.93
N LYS B 45 11.71 -1.38 21.87
CA LYS B 45 12.21 -2.49 22.69
C LYS B 45 12.33 -3.83 21.96
N ALA B 46 11.91 -3.89 20.69
CA ALA B 46 12.18 -5.06 19.84
C ALA B 46 13.34 -4.79 18.89
N GLY B 47 14.02 -3.67 19.09
CA GLY B 47 15.15 -3.31 18.25
C GLY B 47 14.79 -2.76 16.89
N MET B 48 13.59 -2.19 16.74
CA MET B 48 13.25 -1.46 15.51
C MET B 48 13.95 -0.13 15.47
N GLN B 49 14.33 0.30 14.26
CA GLN B 49 15.11 1.51 14.05
C GLN B 49 14.40 2.48 13.15
N ALA B 50 14.39 3.77 13.51
CA ALA B 50 13.95 4.79 12.56
C ALA B 50 14.73 4.59 11.30
N GLY B 51 14.04 4.75 10.17
CA GLY B 51 14.63 4.49 8.88
C GLY B 51 14.39 3.08 8.35
N ASP B 52 13.87 2.16 9.18
CA ASP B 52 13.55 0.80 8.70
C ASP B 52 12.49 0.91 7.58
N ARG B 53 12.67 0.13 6.53
CA ARG B 53 11.67 -0.06 5.52
C ARG B 53 10.84 -1.25 5.98
N LEU B 54 9.51 -1.10 6.01
CA LEU B 54 8.59 -2.22 6.31
C LEU B 54 8.28 -3.02 5.01
N VAL B 55 8.73 -4.28 4.98
CA VAL B 55 8.58 -5.12 3.78
C VAL B 55 7.54 -6.27 3.93
N ALA B 56 7.25 -6.70 5.16
CA ALA B 56 6.15 -7.67 5.41
C ALA B 56 5.42 -7.41 6.73
N VAL B 57 4.16 -7.82 6.77
CA VAL B 57 3.32 -7.81 7.99
C VAL B 57 2.60 -9.16 8.09
N ALA B 58 2.73 -9.80 9.25
CA ALA B 58 2.08 -11.10 9.53
C ALA B 58 2.49 -12.13 8.51
N GLY B 59 3.74 -12.03 8.04
CA GLY B 59 4.27 -12.98 7.07
C GLY B 59 3.96 -12.65 5.62
N GLU B 60 3.16 -11.62 5.38
CA GLU B 60 2.79 -11.24 4.02
C GLU B 60 3.48 -9.97 3.55
N SER B 61 3.90 -9.96 2.30
CA SER B 61 4.54 -8.79 1.70
C SER B 61 3.63 -7.56 1.65
N VAL B 62 4.20 -6.43 2.07
CA VAL B 62 3.62 -5.13 1.81
C VAL B 62 4.49 -4.31 0.85
N GLU B 63 5.42 -4.95 0.12
CA GLU B 63 6.21 -4.25 -0.88
C GLU B 63 5.25 -3.80 -1.97
N GLY B 64 5.41 -2.57 -2.41
CA GLY B 64 4.62 -1.98 -3.47
C GLY B 64 3.20 -1.59 -3.06
N LEU B 65 2.87 -1.75 -1.78
CA LEU B 65 1.52 -1.47 -1.27
C LEU B 65 1.42 -0.07 -0.76
N GLY B 66 0.19 0.47 -0.84
CA GLY B 66 -0.15 1.77 -0.28
C GLY B 66 -0.22 1.79 1.25
N HIS B 67 -0.42 2.99 1.77
CA HIS B 67 -0.27 3.29 3.17
C HIS B 67 -1.42 2.73 3.99
N GLU B 68 -2.63 3.05 3.58
CA GLU B 68 -3.85 2.54 4.26
C GLU B 68 -3.99 1.03 4.20
N GLU B 69 -3.59 0.45 3.09
CA GLU B 69 -3.55 -0.99 2.97
C GLU B 69 -2.56 -1.58 3.98
N THR B 70 -1.37 -0.96 4.12
CA THR B 70 -0.34 -1.48 5.01
C THR B 70 -0.78 -1.34 6.45
N VAL B 71 -1.29 -0.15 6.80
CA VAL B 71 -1.76 0.11 8.14
C VAL B 71 -2.80 -0.93 8.51
N SER B 72 -3.71 -1.19 7.59
CA SER B 72 -4.81 -2.07 7.87
C SER B 72 -4.32 -3.46 8.20
N ARG B 73 -3.28 -3.91 7.49
CA ARG B 73 -2.69 -5.21 7.79
C ARG B 73 -2.09 -5.24 9.21
N ILE B 74 -1.43 -4.17 9.62
CA ILE B 74 -0.88 -4.08 10.96
C ILE B 74 -2.00 -4.13 12.01
N GLN B 75 -3.04 -3.34 11.78
CA GLN B 75 -4.21 -3.28 12.68
C GLN B 75 -4.95 -4.65 12.78
N GLY B 76 -4.97 -5.41 11.68
CA GLY B 76 -5.73 -6.67 11.66
C GLY B 76 -5.06 -7.76 12.48
N GLN B 77 -3.86 -7.51 12.98
CA GLN B 77 -3.16 -8.50 13.79
C GLN B 77 -3.41 -8.33 15.29
N GLY B 78 -4.06 -7.25 15.66
CA GLY B 78 -4.47 -7.06 17.05
C GLY B 78 -3.28 -6.84 17.96
N SER B 79 -3.27 -7.54 19.09
CA SER B 79 -2.29 -7.35 20.17
C SER B 79 -0.85 -7.79 19.81
N CYS B 80 -0.72 -8.80 18.96
CA CYS B 80 0.58 -9.31 18.55
C CYS B 80 0.75 -9.21 17.04
N VAL B 81 1.86 -8.59 16.62
CA VAL B 81 2.14 -8.42 15.19
C VAL B 81 3.61 -8.71 14.91
N SER B 82 3.79 -9.50 13.85
CA SER B 82 5.08 -9.77 13.25
C SER B 82 5.30 -8.73 12.16
N LEU B 83 6.45 -8.07 12.16
CA LEU B 83 6.81 -7.06 11.17
C LEU B 83 8.17 -7.43 10.61
N THR B 84 8.31 -7.41 9.28
CA THR B 84 9.63 -7.60 8.67
C THR B 84 10.15 -6.31 8.10
N VAL B 85 11.39 -5.98 8.49
CA VAL B 85 12.02 -4.73 8.09
C VAL B 85 13.38 -4.95 7.49
N VAL B 86 13.77 -3.99 6.66
CA VAL B 86 15.13 -3.86 6.19
C VAL B 86 15.72 -2.63 6.86
N ASP B 87 16.76 -2.83 7.67
CA ASP B 87 17.37 -1.73 8.36
C ASP B 87 18.13 -0.83 7.41
N PRO B 88 18.22 0.46 7.77
CA PRO B 88 19.09 1.39 7.06
C PRO B 88 20.53 1.27 7.52
N GLU B 89 21.41 1.95 6.79
CA GLU B 89 22.75 2.32 7.30
C GLU B 89 22.62 3.55 8.23
N ALA B 90 22.81 3.32 9.52
CA ALA B 90 22.54 4.34 10.57
C ALA B 90 23.49 5.55 10.55
N ASP B 91 24.67 5.37 9.94
CA ASP B 91 25.64 6.45 9.74
C ASP B 91 25.36 7.31 8.49
N ARG B 92 24.42 6.89 7.66
CA ARG B 92 24.05 7.65 6.46
C ARG B 92 22.92 8.59 6.77
N GLU B 93 23.19 9.44 7.74
CA GLU B 93 22.29 10.50 8.14
C GLU B 93 23.18 11.64 8.54
N THR B 94 22.75 12.85 8.21
CA THR B 94 23.53 14.02 8.46
C THR B 94 22.61 15.22 8.68
N SER B 95 22.81 15.88 9.81
CA SER B 95 22.17 17.13 10.11
C SER B 95 22.96 18.24 9.43
N VAL B 96 22.30 19.01 8.57
CA VAL B 96 22.96 20.15 7.96
C VAL B 96 22.16 21.43 8.24
N PRO C 4 2.65 -14.08 -21.52
CA PRO C 4 2.93 -12.70 -21.89
C PRO C 4 3.55 -12.56 -23.28
N ARG C 5 3.05 -11.61 -24.05
CA ARG C 5 3.49 -11.45 -25.44
C ARG C 5 4.06 -10.06 -25.65
N CYS C 6 5.22 -9.97 -26.30
CA CYS C 6 5.81 -8.67 -26.60
C CYS C 6 5.43 -8.26 -28.00
N LEU C 7 4.80 -7.10 -28.11
CA LEU C 7 4.35 -6.59 -29.38
C LEU C 7 5.17 -5.35 -29.70
N HIS C 8 5.48 -5.14 -30.98
CA HIS C 8 6.15 -3.92 -31.38
C HIS C 8 5.21 -3.03 -32.20
N LEU C 9 5.04 -1.78 -31.80
CA LEU C 9 4.14 -0.87 -32.52
C LEU C 9 4.86 0.35 -33.13
N GLU C 10 4.42 0.69 -34.33
CA GLU C 10 4.79 1.92 -34.99
C GLU C 10 3.61 2.90 -34.93
N LYS C 11 3.86 4.09 -34.44
CA LYS C 11 2.84 5.10 -34.20
C LYS C 11 2.37 5.69 -35.51
N GLY C 12 1.10 6.06 -35.57
CA GLY C 12 0.56 6.72 -36.75
C GLY C 12 0.12 8.13 -36.40
N PRO C 13 -0.60 8.77 -37.32
CA PRO C 13 -0.97 10.17 -37.08
C PRO C 13 -1.94 10.29 -35.90
N GLN C 14 -2.75 9.26 -35.70
CA GLN C 14 -3.62 9.22 -34.55
C GLN C 14 -3.16 8.21 -33.50
N GLY C 15 -1.84 8.05 -33.35
CA GLY C 15 -1.31 7.32 -32.20
C GLY C 15 -1.21 5.83 -32.42
N PHE C 16 -1.15 5.08 -31.33
CA PHE C 16 -1.01 3.59 -31.37
C PHE C 16 -2.32 2.80 -31.53
N GLY C 17 -3.42 3.41 -31.12
CA GLY C 17 -4.72 2.80 -31.22
C GLY C 17 -5.18 1.96 -30.03
N PHE C 18 -4.94 2.43 -28.81
CA PHE C 18 -5.58 1.83 -27.61
C PHE C 18 -5.94 2.83 -26.51
N LEU C 19 -6.92 2.42 -25.70
CA LEU C 19 -7.36 3.10 -24.48
C LEU C 19 -6.77 2.35 -23.30
N LEU C 20 -5.91 2.98 -22.52
CA LEU C 20 -5.40 2.37 -21.27
C LEU C 20 -6.22 2.90 -20.10
N ARG C 21 -6.66 2.00 -19.21
CA ARG C 21 -7.39 2.41 -18.05
C ARG C 21 -6.86 1.71 -16.82
N GLU C 22 -6.67 2.46 -15.76
CA GLU C 22 -6.24 1.89 -14.48
C GLU C 22 -7.41 1.22 -13.73
N GLU C 23 -7.18 0.05 -13.15
CA GLU C 23 -8.05 -0.44 -12.11
C GLU C 23 -7.22 -0.98 -11.00
N LYS C 24 -7.48 -0.55 -9.78
CA LYS C 24 -6.85 -1.17 -8.61
C LYS C 24 -7.40 -2.53 -8.22
N GLY C 25 -6.51 -3.39 -7.73
CA GLY C 25 -6.90 -4.69 -7.23
C GLY C 25 -7.27 -4.55 -5.77
N LEU C 26 -7.57 -5.69 -5.13
CA LEU C 26 -8.06 -5.73 -3.75
C LEU C 26 -7.00 -5.38 -2.70
N ASP C 27 -5.73 -5.41 -3.08
CA ASP C 27 -4.63 -4.94 -2.24
C ASP C 27 -4.25 -3.48 -2.59
N GLY C 28 -5.04 -2.86 -3.44
CA GLY C 28 -4.83 -1.48 -3.84
C GLY C 28 -3.79 -1.25 -4.94
N ARG C 29 -3.12 -2.31 -5.41
CA ARG C 29 -2.08 -2.17 -6.41
C ARG C 29 -2.74 -1.88 -7.76
N PRO C 30 -2.23 -0.89 -8.51
CA PRO C 30 -2.92 -0.70 -9.81
C PRO C 30 -2.49 -1.63 -10.91
N GLY C 31 -3.43 -1.96 -11.79
CA GLY C 31 -3.12 -2.63 -13.05
C GLY C 31 -3.51 -1.66 -14.14
N GLN C 32 -2.77 -1.65 -15.23
CA GLN C 32 -3.13 -0.80 -16.39
C GLN C 32 -3.64 -1.72 -17.47
N PHE C 33 -4.89 -1.53 -17.85
CA PHE C 33 -5.57 -2.43 -18.76
C PHE C 33 -5.83 -1.78 -20.11
N LEU C 34 -5.70 -2.54 -21.18
CA LEU C 34 -6.03 -2.07 -22.52
C LEU C 34 -7.54 -2.30 -22.67
N TRP C 35 -8.29 -1.23 -22.42
CA TRP C 35 -9.71 -1.26 -22.28
C TRP C 35 -10.38 -1.37 -23.65
N GLU C 36 -9.79 -0.72 -24.63
CA GLU C 36 -10.28 -0.78 -26.01
C GLU C 36 -9.06 -0.79 -26.94
N VAL C 37 -9.14 -1.55 -28.03
CA VAL C 37 -8.12 -1.53 -29.05
C VAL C 37 -8.78 -1.08 -30.36
N ASP C 38 -8.39 0.07 -30.85
CA ASP C 38 -9.08 0.71 -31.99
C ASP C 38 -8.91 -0.07 -33.28
N PRO C 39 -10.03 -0.29 -33.99
CA PRO C 39 -9.99 -0.93 -35.30
C PRO C 39 -9.13 -0.16 -36.30
N GLY C 40 -8.32 -0.88 -37.06
CA GLY C 40 -7.54 -0.31 -38.13
C GLY C 40 -6.37 0.56 -37.75
N LEU C 41 -5.91 0.40 -36.53
CA LEU C 41 -4.79 1.19 -36.00
C LEU C 41 -3.73 0.22 -35.47
N PRO C 42 -2.48 0.72 -35.25
CA PRO C 42 -1.31 -0.12 -34.96
C PRO C 42 -1.47 -1.21 -33.93
N ALA C 43 -2.07 -0.92 -32.78
CA ALA C 43 -2.18 -1.88 -31.69
C ALA C 43 -2.99 -3.10 -32.17
N LYS C 44 -4.18 -2.84 -32.70
CA LYS C 44 -5.01 -3.87 -33.29
C LYS C 44 -4.22 -4.70 -34.30
N LYS C 45 -3.61 -4.00 -35.25
CA LYS C 45 -2.88 -4.67 -36.31
C LYS C 45 -1.59 -5.28 -35.79
N ALA C 46 -1.14 -4.89 -34.59
CA ALA C 46 0.03 -5.51 -33.92
C ALA C 46 -0.32 -6.75 -33.06
N GLY C 47 -1.60 -7.13 -33.03
CA GLY C 47 -2.05 -8.29 -32.25
C GLY C 47 -2.63 -8.01 -30.87
N MET C 48 -2.79 -6.74 -30.50
CA MET C 48 -3.31 -6.43 -29.15
C MET C 48 -4.79 -6.76 -29.06
N GLN C 49 -5.22 -7.17 -27.86
CA GLN C 49 -6.63 -7.43 -27.56
C GLN C 49 -7.16 -6.52 -26.45
N ALA C 50 -8.40 -6.07 -26.57
CA ALA C 50 -9.09 -5.47 -25.41
C ALA C 50 -9.14 -6.53 -24.29
N GLY C 51 -8.84 -6.09 -23.07
CA GLY C 51 -8.70 -7.01 -21.91
C GLY C 51 -7.26 -7.39 -21.56
N ASP C 52 -6.33 -7.11 -22.48
CA ASP C 52 -4.91 -7.23 -22.19
C ASP C 52 -4.53 -6.40 -20.97
N ARG C 53 -3.62 -6.95 -20.16
CA ARG C 53 -2.97 -6.19 -19.13
C ARG C 53 -1.56 -5.83 -19.57
N LEU C 54 -1.19 -4.56 -19.40
CA LEU C 54 0.15 -4.08 -19.76
C LEU C 54 1.15 -4.42 -18.66
N VAL C 55 2.17 -5.19 -19.02
CA VAL C 55 3.14 -5.66 -18.06
C VAL C 55 4.52 -5.05 -18.26
N ALA C 56 4.85 -4.62 -19.49
CA ALA C 56 6.12 -3.94 -19.68
C ALA C 56 6.06 -2.94 -20.80
N VAL C 57 6.94 -1.94 -20.69
CA VAL C 57 7.10 -0.91 -21.72
C VAL C 57 8.57 -0.78 -22.03
N ALA C 58 8.94 -1.00 -23.28
CA ALA C 58 10.34 -0.96 -23.68
C ALA C 58 11.18 -1.96 -22.88
N GLY C 59 10.65 -3.17 -22.68
CA GLY C 59 11.34 -4.20 -21.91
C GLY C 59 11.43 -4.00 -20.41
N GLU C 60 10.98 -2.85 -19.89
CA GLU C 60 10.99 -2.60 -18.44
C GLU C 60 9.63 -2.82 -17.82
N SER C 61 9.58 -3.53 -16.71
CA SER C 61 8.30 -3.84 -16.04
C SER C 61 7.59 -2.56 -15.64
N VAL C 62 6.29 -2.49 -15.91
CA VAL C 62 5.43 -1.42 -15.42
C VAL C 62 4.38 -2.01 -14.45
N GLU C 63 4.62 -3.22 -13.99
CA GLU C 63 3.61 -3.88 -13.13
C GLU C 63 3.51 -3.24 -11.75
N GLY C 64 2.29 -2.92 -11.35
CA GLY C 64 2.08 -2.16 -10.12
C GLY C 64 2.40 -0.67 -10.20
N LEU C 65 2.69 -0.16 -11.40
CA LEU C 65 2.91 1.29 -11.58
C LEU C 65 1.59 2.04 -11.84
N GLY C 66 1.59 3.29 -11.44
CA GLY C 66 0.46 4.18 -11.64
C GLY C 66 0.23 4.59 -13.08
N HIS C 67 -0.89 5.25 -13.29
CA HIS C 67 -1.35 5.52 -14.62
C HIS C 67 -0.45 6.50 -15.34
N GLU C 68 -0.26 7.68 -14.77
CA GLU C 68 0.55 8.67 -15.50
C GLU C 68 2.01 8.25 -15.65
N GLU C 69 2.54 7.46 -14.71
CA GLU C 69 3.90 6.96 -14.88
C GLU C 69 3.92 6.07 -16.10
N THR C 70 2.94 5.18 -16.20
CA THR C 70 2.82 4.27 -17.34
C THR C 70 2.68 5.00 -18.69
N VAL C 71 1.78 5.98 -18.76
CA VAL C 71 1.60 6.77 -20.00
C VAL C 71 2.89 7.51 -20.36
N SER C 72 3.55 8.10 -19.34
CA SER C 72 4.75 8.90 -19.64
C SER C 72 5.81 7.99 -20.25
N ARG C 73 5.89 6.76 -19.78
CA ARG C 73 6.88 5.82 -20.30
C ARG C 73 6.60 5.45 -21.74
N ILE C 74 5.32 5.23 -22.06
CA ILE C 74 4.91 4.99 -23.47
C ILE C 74 5.18 6.24 -24.32
N GLN C 75 4.79 7.41 -23.83
CA GLN C 75 5.07 8.68 -24.53
C GLN C 75 6.56 8.88 -24.78
N GLY C 76 7.35 8.57 -23.75
CA GLY C 76 8.78 8.72 -23.77
C GLY C 76 9.51 7.91 -24.82
N GLN C 77 8.82 6.93 -25.41
CA GLN C 77 9.42 6.08 -26.43
C GLN C 77 9.28 6.60 -27.87
N GLY C 78 8.50 7.66 -28.09
CA GLY C 78 8.33 8.24 -29.44
C GLY C 78 7.54 7.36 -30.41
N SER C 79 7.99 7.33 -31.67
CA SER C 79 7.29 6.67 -32.76
C SER C 79 7.20 5.16 -32.65
N CYS C 80 8.23 4.52 -32.11
CA CYS C 80 8.26 3.06 -31.97
C CYS C 80 8.27 2.68 -30.51
N VAL C 81 7.51 1.62 -30.19
CA VAL C 81 7.30 1.17 -28.81
C VAL C 81 7.14 -0.38 -28.74
N SER C 82 7.90 -0.97 -27.82
CA SER C 82 7.73 -2.34 -27.37
C SER C 82 6.80 -2.37 -26.16
N LEU C 83 5.75 -3.21 -26.21
CA LEU C 83 4.81 -3.43 -25.10
C LEU C 83 4.58 -4.93 -24.81
N THR C 84 4.69 -5.33 -23.54
CA THR C 84 4.40 -6.72 -23.15
C THR C 84 3.07 -6.80 -22.42
N VAL C 85 2.22 -7.67 -22.91
CA VAL C 85 0.86 -7.79 -22.41
C VAL C 85 0.62 -9.22 -21.94
N VAL C 86 -0.31 -9.36 -20.98
CA VAL C 86 -0.86 -10.68 -20.67
C VAL C 86 -2.31 -10.70 -21.16
N ASP C 87 -2.66 -11.67 -22.02
CA ASP C 87 -4.01 -11.74 -22.57
C ASP C 87 -5.03 -12.25 -21.57
N PRO C 88 -6.29 -11.84 -21.73
CA PRO C 88 -7.39 -12.31 -20.91
C PRO C 88 -7.96 -13.64 -21.39
N GLU C 89 -8.84 -14.20 -20.57
CA GLU C 89 -9.71 -15.28 -21.02
C GLU C 89 -10.94 -14.60 -21.62
N ALA C 90 -11.20 -14.83 -22.90
CA ALA C 90 -12.27 -14.10 -23.63
C ALA C 90 -13.67 -14.68 -23.39
N ASP C 91 -13.74 -15.71 -22.54
CA ASP C 91 -15.01 -16.31 -22.12
C ASP C 91 -15.46 -15.77 -20.76
N ARG C 92 -14.91 -14.62 -20.36
CA ARG C 92 -15.23 -13.99 -19.09
C ARG C 92 -15.66 -12.56 -19.33
N GLU C 93 -16.52 -12.35 -20.32
CA GLU C 93 -17.26 -11.08 -20.46
C GLU C 93 -18.70 -11.42 -20.87
N THR C 94 -19.67 -10.74 -20.27
CA THR C 94 -21.08 -11.10 -20.40
C THR C 94 -21.89 -9.79 -20.35
N SER C 95 -22.70 -9.55 -21.39
CA SER C 95 -23.69 -8.50 -21.37
C SER C 95 -24.92 -8.95 -20.60
N VAL C 96 -25.34 -8.15 -19.63
CA VAL C 96 -26.52 -8.40 -18.86
C VAL C 96 -27.45 -7.19 -18.86
N PRO D 4 33.21 -1.30 28.79
CA PRO D 4 33.32 0.09 28.35
C PRO D 4 33.73 0.18 26.91
N ARG D 5 33.42 1.30 26.27
CA ARG D 5 33.79 1.53 24.89
C ARG D 5 34.38 2.90 24.71
N CYS D 6 35.58 2.95 24.12
CA CYS D 6 36.20 4.21 23.76
C CYS D 6 35.74 4.63 22.38
N LEU D 7 35.31 5.88 22.29
CA LEU D 7 34.79 6.46 21.06
C LEU D 7 35.65 7.66 20.70
N HIS D 8 35.92 7.85 19.42
CA HIS D 8 36.70 8.98 18.95
C HIS D 8 35.80 9.85 18.11
N LEU D 9 35.51 11.06 18.59
CA LEU D 9 34.62 11.95 17.90
C LEU D 9 35.37 13.16 17.34
N GLU D 10 34.91 13.60 16.16
CA GLU D 10 35.38 14.82 15.53
C GLU D 10 34.26 15.86 15.49
N LYS D 11 34.54 17.00 16.09
CA LYS D 11 33.53 18.02 16.29
C LYS D 11 33.21 18.73 14.98
N GLY D 12 31.93 19.08 14.79
CA GLY D 12 31.50 19.87 13.63
C GLY D 12 30.95 21.22 14.05
N PRO D 13 30.28 21.93 13.13
CA PRO D 13 29.88 23.31 13.44
C PRO D 13 28.86 23.36 14.60
N GLN D 14 28.06 22.32 14.74
CA GLN D 14 27.08 22.28 15.81
C GLN D 14 27.52 21.37 16.95
N GLY D 15 28.82 21.14 17.05
CA GLY D 15 29.40 20.43 18.16
C GLY D 15 29.45 18.94 17.90
N PHE D 16 29.46 18.17 18.97
CA PHE D 16 29.54 16.71 18.92
C PHE D 16 28.19 16.00 18.75
N GLY D 17 27.10 16.62 19.19
CA GLY D 17 25.76 16.03 19.02
C GLY D 17 25.30 15.16 20.21
N PHE D 18 25.52 15.63 21.43
CA PHE D 18 24.95 14.95 22.61
C PHE D 18 24.62 15.88 23.75
N LEU D 19 23.63 15.44 24.54
CA LEU D 19 23.23 16.12 25.78
C LEU D 19 23.80 15.35 26.96
N LEU D 20 24.65 16.00 27.76
CA LEU D 20 25.18 15.43 28.99
C LEU D 20 24.40 15.95 30.18
N ARG D 21 23.88 15.06 31.03
CA ARG D 21 23.13 15.47 32.20
C ARG D 21 23.58 14.72 33.44
N GLU D 22 23.82 15.47 34.52
CA GLU D 22 24.22 14.90 35.81
C GLU D 22 23.07 14.21 36.55
N GLU D 23 23.33 13.03 37.11
CA GLU D 23 22.46 12.51 38.16
C GLU D 23 23.28 11.92 39.23
N LYS D 24 22.98 12.36 40.44
CA LYS D 24 23.65 11.81 41.61
C LYS D 24 23.08 10.47 42.02
N GLY D 25 23.97 9.63 42.53
CA GLY D 25 23.60 8.33 43.06
C GLY D 25 23.17 8.45 44.50
N LEU D 26 22.87 7.31 45.13
CA LEU D 26 22.34 7.25 46.51
C LEU D 26 23.37 7.63 47.59
N ASP D 27 24.66 7.54 47.27
CA ASP D 27 25.73 8.04 48.16
C ASP D 27 26.11 9.48 47.77
N GLY D 28 25.36 10.05 46.84
CA GLY D 28 25.53 11.45 46.46
C GLY D 28 26.57 11.67 45.38
N ARG D 29 27.21 10.61 44.90
CA ARG D 29 28.27 10.77 43.91
C ARG D 29 27.67 11.06 42.54
N PRO D 30 28.18 12.10 41.88
CA PRO D 30 27.66 12.46 40.58
C PRO D 30 28.03 11.50 39.45
N GLY D 31 27.03 11.08 38.68
CA GLY D 31 27.25 10.46 37.38
C GLY D 31 26.92 11.41 36.26
N GLN D 32 27.63 11.29 35.15
CA GLN D 32 27.36 12.12 33.98
C GLN D 32 26.87 11.21 32.87
N PHE D 33 25.62 11.42 32.47
CA PHE D 33 24.96 10.53 31.52
C PHE D 33 24.75 11.17 30.15
N LEU D 34 24.91 10.38 29.09
CA LEU D 34 24.60 10.87 27.73
C LEU D 34 23.08 10.66 27.56
N TRP D 35 22.35 11.75 27.75
CA TRP D 35 20.89 11.72 27.91
C TRP D 35 20.18 11.64 26.59
N GLU D 36 20.73 12.32 25.61
CA GLU D 36 20.20 12.31 24.27
C GLU D 36 21.36 12.32 23.31
N VAL D 37 21.21 11.62 22.22
CA VAL D 37 22.25 11.62 21.19
C VAL D 37 21.61 12.02 19.88
N ASP D 38 22.06 13.16 19.38
CA ASP D 38 21.38 13.78 18.25
C ASP D 38 21.63 13.05 16.94
N PRO D 39 20.57 12.87 16.16
CA PRO D 39 20.67 12.28 14.83
C PRO D 39 21.52 13.09 13.85
N GLY D 40 22.34 12.39 13.10
CA GLY D 40 23.16 13.00 12.06
C GLY D 40 24.31 13.83 12.51
N LEU D 41 24.76 13.61 13.74
CA LEU D 41 25.88 14.36 14.29
C LEU D 41 26.96 13.38 14.76
N PRO D 42 28.20 13.87 15.04
CA PRO D 42 29.36 13.01 15.29
C PRO D 42 29.19 11.86 16.33
N ALA D 43 28.46 12.12 17.40
CA ALA D 43 28.37 11.19 18.51
C ALA D 43 27.50 9.98 18.14
N LYS D 44 26.30 10.25 17.66
CA LYS D 44 25.46 9.22 17.05
C LYS D 44 26.25 8.44 16.02
N LYS D 45 26.83 9.17 15.07
CA LYS D 45 27.51 8.53 13.96
C LYS D 45 28.75 7.75 14.44
N ALA D 46 29.23 8.03 15.65
CA ALA D 46 30.41 7.34 16.21
C ALA D 46 30.09 6.25 17.25
N GLY D 47 28.83 5.84 17.31
CA GLY D 47 28.40 4.74 18.15
C GLY D 47 27.80 5.07 19.51
N MET D 48 27.76 6.35 19.88
CA MET D 48 27.24 6.72 21.19
C MET D 48 25.75 6.42 21.30
N GLN D 49 25.32 5.95 22.48
CA GLN D 49 23.93 5.64 22.77
C GLN D 49 23.37 6.50 23.89
N ALA D 50 22.14 6.96 23.72
CA ALA D 50 21.46 7.64 24.82
C ALA D 50 21.40 6.60 25.93
N GLY D 51 21.67 7.02 27.15
CA GLY D 51 21.72 6.09 28.30
C GLY D 51 23.14 5.71 28.71
N ASP D 52 24.12 5.88 27.81
CA ASP D 52 25.53 5.73 28.17
C ASP D 52 25.93 6.59 29.36
N ARG D 53 26.81 6.04 30.19
CA ARG D 53 27.44 6.81 31.26
C ARG D 53 28.86 7.15 30.81
N LEU D 54 29.23 8.41 30.94
CA LEU D 54 30.58 8.85 30.57
C LEU D 54 31.54 8.49 31.69
N VAL D 55 32.59 7.73 31.36
CA VAL D 55 33.50 7.29 32.39
C VAL D 55 34.90 7.87 32.22
N ALA D 56 35.24 8.31 31.02
CA ALA D 56 36.55 8.91 30.78
C ALA D 56 36.54 9.91 29.63
N VAL D 57 37.45 10.89 29.69
CA VAL D 57 37.59 11.88 28.63
C VAL D 57 39.07 12.00 28.36
N ALA D 58 39.46 11.76 27.12
CA ALA D 58 40.86 11.83 26.72
C ALA D 58 41.71 10.84 27.53
N GLY D 59 41.11 9.68 27.80
CA GLY D 59 41.77 8.65 28.62
C GLY D 59 41.86 8.83 30.14
N GLU D 60 41.46 10.00 30.63
CA GLU D 60 41.47 10.28 32.07
C GLU D 60 40.11 9.96 32.59
N SER D 61 40.04 9.25 33.70
CA SER D 61 38.77 8.97 34.33
C SER D 61 38.07 10.29 34.62
N VAL D 62 36.76 10.32 34.44
CA VAL D 62 35.94 11.40 34.93
C VAL D 62 34.88 10.87 35.91
N GLU D 63 34.94 9.60 36.30
CA GLU D 63 33.92 9.04 37.18
C GLU D 63 33.92 9.70 38.56
N GLY D 64 32.75 10.15 39.00
CA GLY D 64 32.63 10.89 40.27
C GLY D 64 32.94 12.37 40.16
N LEU D 65 33.21 12.86 38.94
CA LEU D 65 33.47 14.28 38.72
C LEU D 65 32.16 15.00 38.44
N GLY D 66 32.11 16.28 38.79
CA GLY D 66 30.93 17.10 38.64
C GLY D 66 30.74 17.53 37.20
N HIS D 67 29.63 18.20 36.98
CA HIS D 67 29.17 18.46 35.65
C HIS D 67 30.08 19.47 34.95
N GLU D 68 30.27 20.62 35.58
CA GLU D 68 31.05 21.69 35.00
C GLU D 68 32.48 21.24 34.71
N GLU D 69 33.03 20.41 35.61
CA GLU D 69 34.37 19.92 35.44
C GLU D 69 34.41 19.04 34.19
N THR D 70 33.48 18.07 34.12
CA THR D 70 33.39 17.16 32.97
C THR D 70 33.22 17.89 31.64
N VAL D 71 32.27 18.81 31.57
CA VAL D 71 32.11 19.62 30.37
C VAL D 71 33.39 20.36 30.01
N SER D 72 34.07 20.95 30.99
CA SER D 72 35.29 21.73 30.69
C SER D 72 36.39 20.84 30.12
N ARG D 73 36.38 19.57 30.53
CA ARG D 73 37.32 18.60 29.99
C ARG D 73 37.05 18.29 28.54
N ILE D 74 35.78 18.04 28.21
CA ILE D 74 35.36 17.86 26.81
C ILE D 74 35.74 19.11 26.01
N GLN D 75 35.30 20.28 26.48
CA GLN D 75 35.57 21.55 25.78
C GLN D 75 37.05 21.81 25.55
N GLY D 76 37.86 21.49 26.57
CA GLY D 76 39.28 21.74 26.53
C GLY D 76 40.06 20.82 25.60
N GLN D 77 39.38 19.82 25.03
CA GLN D 77 40.02 18.92 24.08
C GLN D 77 39.88 19.40 22.61
N GLY D 78 39.17 20.48 22.36
CA GLY D 78 39.04 21.02 21.00
C GLY D 78 38.27 20.17 20.01
N SER D 79 38.75 20.15 18.77
CA SER D 79 38.04 19.57 17.63
C SER D 79 37.86 18.06 17.70
N CYS D 80 38.78 17.40 18.39
CA CYS D 80 38.77 15.94 18.47
C CYS D 80 38.82 15.51 19.93
N VAL D 81 37.95 14.56 20.30
CA VAL D 81 37.85 14.06 21.68
C VAL D 81 37.64 12.55 21.74
N SER D 82 38.40 11.90 22.61
CA SER D 82 38.18 10.51 22.98
C SER D 82 37.29 10.46 24.22
N LEU D 83 36.20 9.68 24.13
CA LEU D 83 35.24 9.51 25.20
C LEU D 83 35.03 8.03 25.48
N THR D 84 35.12 7.63 26.75
CA THR D 84 34.88 6.25 27.13
C THR D 84 33.54 6.21 27.85
N VAL D 85 32.69 5.29 27.41
CA VAL D 85 31.36 5.20 27.95
C VAL D 85 31.09 3.77 28.41
N VAL D 86 30.08 3.63 29.25
CA VAL D 86 29.52 2.33 29.59
C VAL D 86 28.06 2.30 29.15
N ASP D 87 27.70 1.36 28.28
CA ASP D 87 26.34 1.32 27.71
C ASP D 87 25.33 0.78 28.69
N PRO D 88 24.07 1.23 28.57
CA PRO D 88 23.03 0.72 29.44
C PRO D 88 22.50 -0.63 28.95
N GLU D 89 21.53 -1.18 29.67
CA GLU D 89 20.70 -2.26 29.15
C GLU D 89 19.44 -1.63 28.55
N ALA D 90 19.19 -1.91 27.27
CA ALA D 90 18.17 -1.19 26.51
C ALA D 90 16.73 -1.68 26.75
N ASP D 91 16.58 -2.73 27.55
CA ASP D 91 15.27 -3.19 27.97
C ASP D 91 14.88 -2.60 29.33
N ARG D 92 15.58 -1.53 29.77
CA ARG D 92 15.30 -0.93 31.06
C ARG D 92 14.87 0.51 30.86
N GLU D 93 14.08 0.77 29.82
CA GLU D 93 13.34 2.00 29.67
C GLU D 93 11.90 1.61 29.27
N THR D 94 10.93 2.26 29.92
CA THR D 94 9.50 1.97 29.73
C THR D 94 8.71 3.27 29.74
N SER D 95 7.92 3.51 28.71
CA SER D 95 6.98 4.61 28.70
C SER D 95 5.74 4.16 29.46
N VAL D 96 5.33 4.96 30.43
CA VAL D 96 4.11 4.70 31.19
C VAL D 96 3.17 5.92 31.17
N MET E 2 -13.00 6.10 -3.63
CA MET E 2 -14.44 6.29 -4.01
C MET E 2 -15.37 5.46 -3.12
N LYS E 3 -16.41 6.11 -2.59
CA LYS E 3 -17.38 5.44 -1.72
C LYS E 3 -18.23 4.48 -2.55
N PRO E 4 -18.43 3.24 -2.06
CA PRO E 4 -19.41 2.36 -2.75
C PRO E 4 -20.78 3.04 -2.89
N ARG E 5 -21.45 2.77 -4.01
CA ARG E 5 -22.79 3.27 -4.28
C ARG E 5 -23.69 2.08 -4.56
N CYS E 6 -24.79 1.97 -3.85
CA CYS E 6 -25.75 0.88 -4.03
C CYS E 6 -26.92 1.42 -4.83
N LEU E 7 -27.12 0.82 -6.00
CA LEU E 7 -28.14 1.23 -6.94
C LEU E 7 -29.10 0.05 -7.14
N HIS E 8 -30.38 0.36 -7.35
CA HIS E 8 -31.39 -0.68 -7.54
C HIS E 8 -31.92 -0.58 -8.97
N LEU E 9 -31.77 -1.64 -9.75
CA LEU E 9 -32.13 -1.60 -11.18
C LEU E 9 -33.34 -2.51 -11.37
N GLU E 10 -34.15 -2.16 -12.35
CA GLU E 10 -35.30 -2.94 -12.77
C GLU E 10 -35.05 -3.17 -14.25
N LYS E 11 -34.97 -4.41 -14.69
CA LYS E 11 -34.63 -4.65 -16.08
C LYS E 11 -35.84 -4.65 -16.97
N GLY E 12 -35.62 -4.25 -18.23
CA GLY E 12 -36.61 -4.38 -19.27
C GLY E 12 -36.17 -5.46 -20.26
N PRO E 13 -36.73 -5.44 -21.48
CA PRO E 13 -36.44 -6.46 -22.51
C PRO E 13 -34.99 -6.47 -22.99
N GLN E 14 -34.28 -5.37 -22.83
CA GLN E 14 -32.90 -5.28 -23.26
C GLN E 14 -31.91 -5.43 -22.10
N GLY E 15 -32.43 -5.79 -20.91
CA GLY E 15 -31.65 -6.19 -19.75
C GLY E 15 -31.28 -5.00 -18.90
N PHE E 16 -30.25 -5.14 -18.06
CA PHE E 16 -29.80 -4.05 -17.19
C PHE E 16 -28.97 -2.98 -17.92
N GLY E 17 -28.31 -3.37 -19.00
CA GLY E 17 -27.54 -2.43 -19.82
C GLY E 17 -26.06 -2.29 -19.47
N PHE E 18 -25.38 -3.41 -19.16
CA PHE E 18 -23.93 -3.34 -19.01
C PHE E 18 -23.21 -4.61 -19.37
N LEU E 19 -21.95 -4.41 -19.75
CA LEU E 19 -21.00 -5.46 -20.08
C LEU E 19 -20.07 -5.67 -18.87
N LEU E 20 -20.10 -6.88 -18.32
CA LEU E 20 -19.30 -7.27 -17.18
C LEU E 20 -18.15 -8.07 -17.74
N ARG E 21 -16.94 -7.68 -17.39
CA ARG E 21 -15.79 -8.43 -17.81
C ARG E 21 -14.84 -8.69 -16.65
N GLU E 22 -14.34 -9.90 -16.54
CA GLU E 22 -13.39 -10.21 -15.47
C GLU E 22 -11.99 -9.67 -15.79
N GLU E 23 -11.33 -9.08 -14.80
CA GLU E 23 -9.87 -8.87 -14.89
C GLU E 23 -9.19 -9.28 -13.63
N LYS E 24 -8.13 -10.09 -13.75
CA LYS E 24 -7.35 -10.38 -12.57
C LYS E 24 -6.38 -9.25 -12.22
N GLY E 25 -6.32 -8.95 -10.92
CA GLY E 25 -5.35 -8.03 -10.43
C GLY E 25 -4.01 -8.68 -10.35
N LEU E 26 -3.05 -7.91 -9.86
CA LEU E 26 -1.67 -8.34 -9.76
C LEU E 26 -1.53 -9.49 -8.75
N ASP E 27 -2.41 -9.53 -7.75
CA ASP E 27 -2.35 -10.60 -6.74
C ASP E 27 -3.00 -11.91 -7.19
N GLY E 28 -3.65 -11.88 -8.34
CA GLY E 28 -4.26 -13.06 -8.91
C GLY E 28 -5.76 -13.05 -8.71
N ARG E 29 -6.26 -12.20 -7.82
CA ARG E 29 -7.68 -12.22 -7.49
C ARG E 29 -8.48 -11.55 -8.62
N PRO E 30 -9.59 -12.18 -9.02
CA PRO E 30 -10.39 -11.59 -10.11
C PRO E 30 -11.26 -10.40 -9.63
N GLY E 31 -11.34 -9.36 -10.46
CA GLY E 31 -12.34 -8.29 -10.29
C GLY E 31 -13.28 -8.36 -11.48
N GLN E 32 -14.55 -8.01 -11.27
CA GLN E 32 -15.55 -7.97 -12.34
C GLN E 32 -15.83 -6.50 -12.55
N PHE E 33 -15.59 -6.02 -13.78
CA PHE E 33 -15.69 -4.58 -14.05
C PHE E 33 -16.82 -4.31 -14.99
N LEU E 34 -17.48 -3.17 -14.79
CA LEU E 34 -18.38 -2.61 -15.83
C LEU E 34 -17.53 -2.05 -16.96
N TRP E 35 -17.41 -2.88 -18.00
CA TRP E 35 -16.53 -2.58 -19.12
C TRP E 35 -17.15 -1.52 -20.00
N GLU E 36 -18.47 -1.60 -20.16
CA GLU E 36 -19.26 -0.62 -20.92
C GLU E 36 -20.62 -0.59 -20.28
N VAL E 37 -21.25 0.60 -20.25
CA VAL E 37 -22.59 0.79 -19.75
C VAL E 37 -23.42 1.45 -20.85
N ASP E 38 -24.52 0.83 -21.27
CA ASP E 38 -25.29 1.27 -22.43
C ASP E 38 -26.10 2.51 -22.12
N PRO E 39 -26.01 3.54 -22.97
CA PRO E 39 -26.87 4.71 -22.78
C PRO E 39 -28.37 4.34 -22.75
N GLY E 40 -29.14 5.03 -21.91
CA GLY E 40 -30.60 4.90 -21.92
C GLY E 40 -31.18 3.60 -21.39
N LEU E 41 -30.33 2.75 -20.86
CA LEU E 41 -30.74 1.52 -20.25
C LEU E 41 -30.56 1.66 -18.72
N PRO E 42 -31.16 0.75 -17.92
CA PRO E 42 -31.21 0.93 -16.44
C PRO E 42 -29.90 1.32 -15.70
N ALA E 43 -28.83 0.56 -15.91
CA ALA E 43 -27.58 0.83 -15.22
C ALA E 43 -27.11 2.26 -15.41
N LYS E 44 -27.10 2.70 -16.68
CA LYS E 44 -26.71 4.07 -17.01
C LYS E 44 -27.63 5.08 -16.35
N LYS E 45 -28.94 4.82 -16.41
CA LYS E 45 -29.92 5.74 -15.83
C LYS E 45 -29.76 5.86 -14.30
N ALA E 46 -29.19 4.84 -13.67
CA ALA E 46 -28.80 4.84 -12.24
C ALA E 46 -27.41 5.45 -11.97
N GLY E 47 -26.75 5.99 -12.99
CA GLY E 47 -25.44 6.62 -12.80
C GLY E 47 -24.22 5.70 -12.80
N MET E 48 -24.41 4.40 -13.08
CA MET E 48 -23.28 3.48 -13.24
C MET E 48 -22.43 3.90 -14.43
N GLN E 49 -21.11 3.72 -14.28
CA GLN E 49 -20.14 4.21 -15.24
C GLN E 49 -19.25 3.10 -15.74
N ALA E 50 -18.80 3.19 -16.99
CA ALA E 50 -17.69 2.34 -17.44
C ALA E 50 -16.47 2.55 -16.50
N GLY E 51 -15.84 1.45 -16.12
CA GLY E 51 -14.74 1.47 -15.14
C GLY E 51 -15.15 1.19 -13.72
N ASP E 52 -16.45 1.23 -13.45
CA ASP E 52 -16.98 0.79 -12.15
C ASP E 52 -16.55 -0.62 -11.87
N ARG E 53 -16.19 -0.91 -10.64
CA ARG E 53 -16.04 -2.29 -10.18
C ARG E 53 -17.32 -2.67 -9.47
N LEU E 54 -17.81 -3.87 -9.81
CA LEU E 54 -18.99 -4.47 -9.18
C LEU E 54 -18.51 -5.15 -7.92
N VAL E 55 -19.03 -4.64 -6.80
CA VAL E 55 -18.61 -5.07 -5.50
C VAL E 55 -19.67 -5.83 -4.69
N ALA E 56 -20.94 -5.70 -5.05
CA ALA E 56 -21.98 -6.45 -4.35
C ALA E 56 -23.16 -6.69 -5.28
N VAL E 57 -23.81 -7.84 -5.10
CA VAL E 57 -25.10 -8.20 -5.72
C VAL E 57 -26.08 -8.71 -4.65
N ALA E 58 -27.25 -8.06 -4.55
CA ALA E 58 -28.28 -8.44 -3.59
C ALA E 58 -27.76 -8.24 -2.17
N GLY E 59 -26.88 -7.26 -2.00
CA GLY E 59 -26.35 -6.92 -0.68
C GLY E 59 -25.16 -7.76 -0.23
N GLU E 60 -24.80 -8.79 -1.01
CA GLU E 60 -23.72 -9.70 -0.67
C GLU E 60 -22.49 -9.37 -1.49
N SER E 61 -21.34 -9.31 -0.84
CA SER E 61 -20.11 -8.96 -1.53
C SER E 61 -19.78 -9.96 -2.66
N VAL E 62 -19.38 -9.43 -3.82
CA VAL E 62 -18.76 -10.24 -4.87
C VAL E 62 -17.36 -9.74 -5.16
N GLU E 63 -16.76 -9.04 -4.20
CA GLU E 63 -15.35 -8.69 -4.31
C GLU E 63 -14.57 -10.01 -4.38
N GLY E 64 -13.65 -10.12 -5.33
CA GLY E 64 -12.84 -11.31 -5.46
C GLY E 64 -13.52 -12.55 -6.02
N LEU E 65 -14.75 -12.43 -6.51
CA LEU E 65 -15.51 -13.59 -6.98
C LEU E 65 -15.34 -13.74 -8.51
N GLY E 66 -15.38 -14.98 -9.00
CA GLY E 66 -15.21 -15.31 -10.42
C GLY E 66 -16.41 -14.88 -11.26
N HIS E 67 -16.25 -14.98 -12.58
CA HIS E 67 -17.19 -14.37 -13.53
C HIS E 67 -18.54 -15.09 -13.53
N GLU E 68 -18.50 -16.41 -13.73
CA GLU E 68 -19.76 -17.16 -13.86
C GLU E 68 -20.51 -17.12 -12.56
N GLU E 69 -19.82 -17.24 -11.43
CA GLU E 69 -20.47 -17.11 -10.14
C GLU E 69 -21.13 -15.75 -9.95
N THR E 70 -20.45 -14.68 -10.39
CA THR E 70 -21.01 -13.33 -10.32
C THR E 70 -22.24 -13.16 -11.24
N VAL E 71 -22.12 -13.63 -12.48
CA VAL E 71 -23.23 -13.57 -13.41
C VAL E 71 -24.45 -14.39 -12.94
N SER E 72 -24.24 -15.56 -12.36
CA SER E 72 -25.37 -16.35 -11.90
C SER E 72 -26.07 -15.66 -10.73
N ARG E 73 -25.30 -14.97 -9.91
CA ARG E 73 -25.87 -14.24 -8.78
C ARG E 73 -26.76 -13.10 -9.24
N ILE E 74 -26.34 -12.41 -10.29
CA ILE E 74 -27.14 -11.36 -10.91
C ILE E 74 -28.39 -11.98 -11.52
N GLN E 75 -28.20 -13.08 -12.27
CA GLN E 75 -29.33 -13.77 -12.93
C GLN E 75 -30.31 -14.38 -11.92
N GLY E 76 -29.78 -14.87 -10.80
CA GLY E 76 -30.58 -15.42 -9.71
C GLY E 76 -31.61 -14.49 -9.09
N GLN E 77 -31.42 -13.18 -9.30
CA GLN E 77 -32.26 -12.13 -8.73
C GLN E 77 -33.43 -11.75 -9.61
N GLY E 78 -33.42 -12.17 -10.88
CA GLY E 78 -34.54 -11.92 -11.81
C GLY E 78 -34.69 -10.47 -12.25
N SER E 79 -35.92 -9.98 -12.20
CA SER E 79 -36.30 -8.68 -12.77
C SER E 79 -35.70 -7.45 -12.09
N CYS E 80 -35.47 -7.55 -10.78
CA CYS E 80 -35.03 -6.42 -9.95
C CYS E 80 -33.78 -6.81 -9.18
N VAL E 81 -32.74 -6.00 -9.26
CA VAL E 81 -31.48 -6.35 -8.62
C VAL E 81 -30.86 -5.13 -7.98
N SER E 82 -30.35 -5.33 -6.76
CA SER E 82 -29.48 -4.40 -6.08
C SER E 82 -28.06 -4.74 -6.50
N LEU E 83 -27.30 -3.70 -6.88
CA LEU E 83 -25.89 -3.83 -7.26
C LEU E 83 -25.11 -2.68 -6.60
N THR E 84 -23.98 -3.01 -6.00
CA THR E 84 -23.09 -2.01 -5.43
C THR E 84 -21.84 -1.91 -6.31
N VAL E 85 -21.44 -0.67 -6.58
CA VAL E 85 -20.29 -0.36 -7.40
C VAL E 85 -19.37 0.62 -6.71
N VAL E 86 -18.11 0.56 -7.10
CA VAL E 86 -17.12 1.56 -6.73
C VAL E 86 -16.65 2.24 -8.02
N ASP E 87 -16.83 3.56 -8.09
CA ASP E 87 -16.54 4.31 -9.30
C ASP E 87 -15.04 4.55 -9.47
N PRO E 88 -14.61 4.70 -10.75
CA PRO E 88 -13.21 4.96 -11.07
C PRO E 88 -12.86 6.41 -10.86
N GLU E 89 -11.57 6.74 -10.88
CA GLU E 89 -11.14 8.13 -11.09
C GLU E 89 -11.11 8.48 -12.59
N ALA E 90 -11.95 9.43 -13.00
CA ALA E 90 -12.14 9.78 -14.43
C ALA E 90 -10.85 10.06 -15.21
N ASP E 91 -9.81 10.49 -14.49
CA ASP E 91 -8.51 10.85 -15.07
C ASP E 91 -7.49 9.70 -15.18
N ARG E 92 -7.89 8.47 -14.88
CA ARG E 92 -6.97 7.35 -14.97
C ARG E 92 -7.33 6.45 -16.13
N GLU E 93 -7.68 7.10 -17.25
CA GLU E 93 -7.87 6.48 -18.56
C GLU E 93 -7.22 7.42 -19.58
N THR E 94 -6.46 6.86 -20.52
CA THR E 94 -5.82 7.65 -21.54
C THR E 94 -5.78 6.93 -22.87
N SER E 95 -6.15 7.65 -23.92
CA SER E 95 -6.06 7.14 -25.28
C SER E 95 -4.68 7.46 -25.82
N VAL E 96 -3.94 6.43 -26.24
CA VAL E 96 -2.57 6.61 -26.75
C VAL E 96 -2.50 6.12 -28.20
N MET F 2 17.52 18.54 46.08
CA MET F 2 16.15 19.12 46.16
C MET F 2 15.24 18.34 47.12
N LYS F 3 14.21 19.01 47.63
CA LYS F 3 13.22 18.37 48.50
C LYS F 3 12.33 17.47 47.64
N PRO F 4 12.03 16.24 48.11
CA PRO F 4 11.07 15.39 47.39
C PRO F 4 9.70 16.06 47.22
N ARG F 5 9.05 15.79 46.09
CA ARG F 5 7.70 16.28 45.83
C ARG F 5 6.82 15.07 45.53
N CYS F 6 5.78 14.86 46.35
CA CYS F 6 4.77 13.80 46.16
C CYS F 6 3.59 14.36 45.36
N LEU F 7 3.38 13.78 44.18
CA LEU F 7 2.36 14.24 43.26
C LEU F 7 1.35 13.10 43.05
N HIS F 8 0.10 13.44 42.77
CA HIS F 8 -0.94 12.43 42.56
C HIS F 8 -1.43 12.45 41.12
N LEU F 9 -1.30 11.32 40.43
CA LEU F 9 -1.67 11.27 39.02
C LEU F 9 -2.89 10.43 38.80
N GLU F 10 -3.71 10.86 37.85
CA GLU F 10 -4.77 10.02 37.28
C GLU F 10 -4.41 9.82 35.84
N LYS F 11 -4.36 8.57 35.39
CA LYS F 11 -4.04 8.37 34.01
C LYS F 11 -5.32 8.33 33.20
N GLY F 12 -5.17 8.77 31.95
CA GLY F 12 -6.18 8.59 30.93
C GLY F 12 -5.67 7.61 29.89
N PRO F 13 -6.23 7.66 28.67
CA PRO F 13 -5.96 6.62 27.65
C PRO F 13 -4.52 6.63 27.15
N GLN F 14 -3.79 7.70 27.46
CA GLN F 14 -2.43 7.89 26.97
C GLN F 14 -1.39 7.60 28.08
N GLY F 15 -1.87 7.28 29.29
CA GLY F 15 -1.02 6.90 30.42
C GLY F 15 -0.63 8.08 31.27
N PHE F 16 0.38 7.90 32.09
CA PHE F 16 0.85 8.95 33.00
C PHE F 16 1.71 10.02 32.32
N GLY F 17 2.39 9.66 31.22
CA GLY F 17 3.18 10.61 30.45
C GLY F 17 4.64 10.77 30.78
N PHE F 18 5.33 9.65 30.99
CA PHE F 18 6.76 9.73 31.21
C PHE F 18 7.47 8.46 30.77
N LEU F 19 8.71 8.63 30.35
CA LEU F 19 9.62 7.54 30.11
C LEU F 19 10.51 7.36 31.34
N LEU F 20 10.46 6.17 31.93
CA LEU F 20 11.29 5.76 33.05
C LEU F 20 12.42 4.89 32.53
N ARG F 21 13.65 5.27 32.86
CA ARG F 21 14.82 4.55 32.44
C ARG F 21 15.78 4.34 33.61
N GLU F 22 16.32 3.13 33.72
CA GLU F 22 17.22 2.83 34.84
C GLU F 22 18.62 3.27 34.50
N GLU F 23 19.28 3.86 35.47
CA GLU F 23 20.74 4.05 35.38
C GLU F 23 21.36 3.67 36.69
N LYS F 24 22.36 2.79 36.63
CA LYS F 24 23.11 2.42 37.82
C LYS F 24 24.05 3.53 38.20
N GLY F 25 24.19 3.74 39.52
CA GLY F 25 25.07 4.78 40.00
C GLY F 25 26.47 4.25 40.04
N LEU F 26 27.39 5.09 40.50
CA LEU F 26 28.80 4.70 40.60
C LEU F 26 28.96 3.56 41.60
N ASP F 27 28.11 3.55 42.63
CA ASP F 27 28.14 2.47 43.64
C ASP F 27 27.47 1.18 43.18
N GLY F 28 26.89 1.20 41.99
CA GLY F 28 26.24 0.03 41.45
C GLY F 28 24.74 -0.04 41.72
N ARG F 29 24.18 0.87 42.52
CA ARG F 29 22.75 0.79 42.79
C ARG F 29 21.93 1.50 41.69
N PRO F 30 20.84 0.88 41.23
CA PRO F 30 20.07 1.55 40.19
C PRO F 30 19.19 2.69 40.71
N GLY F 31 19.09 3.71 39.88
CA GLY F 31 18.09 4.75 40.03
C GLY F 31 17.18 4.60 38.83
N GLN F 32 15.92 4.99 39.02
CA GLN F 32 14.92 5.06 37.99
C GLN F 32 14.69 6.55 37.77
N PHE F 33 14.91 6.98 36.54
CA PHE F 33 14.87 8.38 36.24
C PHE F 33 13.78 8.64 35.26
N LEU F 34 13.11 9.77 35.42
CA LEU F 34 12.21 10.27 34.39
C LEU F 34 13.05 10.90 33.28
N TRP F 35 13.27 10.11 32.24
CA TRP F 35 14.13 10.49 31.13
C TRP F 35 13.50 11.57 30.29
N GLU F 36 12.18 11.52 30.22
CA GLU F 36 11.40 12.43 29.42
C GLU F 36 10.02 12.47 30.04
N VAL F 37 9.39 13.64 29.96
CA VAL F 37 8.00 13.85 30.42
C VAL F 37 7.20 14.54 29.32
N ASP F 38 6.10 13.90 28.93
CA ASP F 38 5.30 14.28 27.78
C ASP F 38 4.51 15.55 28.09
N PRO F 39 4.60 16.58 27.23
CA PRO F 39 3.77 17.75 27.45
C PRO F 39 2.30 17.38 27.47
N GLY F 40 1.58 17.91 28.47
CA GLY F 40 0.12 17.89 28.43
C GLY F 40 -0.47 16.59 28.89
N LEU F 41 0.38 15.65 29.29
CA LEU F 41 -0.04 14.42 29.96
C LEU F 41 0.09 14.57 31.49
N PRO F 42 -0.51 13.65 32.28
CA PRO F 42 -0.62 13.82 33.76
C PRO F 42 0.64 14.22 34.54
N ALA F 43 1.74 13.49 34.36
CA ALA F 43 3.01 13.81 35.01
C ALA F 43 3.47 15.27 34.76
N LYS F 44 3.53 15.70 33.50
CA LYS F 44 3.92 17.09 33.22
C LYS F 44 2.98 18.09 33.89
N LYS F 45 1.68 17.82 33.83
CA LYS F 45 0.68 18.72 34.40
C LYS F 45 0.78 18.82 35.92
N ALA F 46 1.32 17.77 36.55
CA ALA F 46 1.65 17.74 37.96
C ALA F 46 3.05 18.26 38.28
N GLY F 47 3.73 18.85 37.30
CA GLY F 47 5.01 19.54 37.52
C GLY F 47 6.27 18.68 37.46
N MET F 48 6.12 17.40 37.13
CA MET F 48 7.27 16.51 36.92
C MET F 48 8.10 16.95 35.74
N GLN F 49 9.39 16.64 35.81
CA GLN F 49 10.42 17.17 34.93
C GLN F 49 11.35 16.09 34.46
N ALA F 50 11.73 16.13 33.18
CA ALA F 50 12.78 15.26 32.69
C ALA F 50 14.04 15.50 33.57
N GLY F 51 14.59 14.41 34.07
CA GLY F 51 15.71 14.47 35.00
C GLY F 51 15.31 14.18 36.43
N ASP F 52 14.01 14.26 36.71
CA ASP F 52 13.50 13.85 38.04
C ASP F 52 13.97 12.46 38.38
N ARG F 53 14.30 12.19 39.62
CA ARG F 53 14.45 10.79 40.06
C ARG F 53 13.15 10.32 40.70
N LEU F 54 12.69 9.11 40.33
CA LEU F 54 11.51 8.51 40.99
C LEU F 54 11.95 7.87 42.29
N VAL F 55 11.43 8.38 43.42
CA VAL F 55 11.87 7.96 44.74
C VAL F 55 10.80 7.21 45.57
N ALA F 56 9.53 7.40 45.25
CA ALA F 56 8.49 6.62 45.90
C ALA F 56 7.33 6.39 44.95
N VAL F 57 6.73 5.20 45.10
CA VAL F 57 5.44 4.86 44.49
C VAL F 57 4.45 4.42 45.57
N ALA F 58 3.28 5.08 45.60
CA ALA F 58 2.21 4.76 46.54
C ALA F 58 2.71 4.86 47.99
N GLY F 59 3.53 5.87 48.26
CA GLY F 59 4.03 6.11 49.61
C GLY F 59 5.21 5.22 50.02
N GLU F 60 5.62 4.25 49.18
CA GLU F 60 6.73 3.35 49.54
C GLU F 60 7.93 3.70 48.69
N SER F 61 9.10 3.67 49.31
CA SER F 61 10.33 4.03 48.64
C SER F 61 10.72 3.03 47.54
N VAL F 62 11.00 3.56 46.33
CA VAL F 62 11.66 2.81 45.25
C VAL F 62 13.10 3.29 44.99
N GLU F 63 13.70 3.92 46.00
CA GLU F 63 15.10 4.36 45.90
C GLU F 63 15.92 3.08 45.84
N GLY F 64 16.84 3.00 44.90
CA GLY F 64 17.68 1.82 44.76
C GLY F 64 17.00 0.56 44.27
N LEU F 65 15.79 0.68 43.74
CA LEU F 65 14.98 -0.47 43.29
C LEU F 65 15.10 -0.65 41.77
N GLY F 66 14.96 -1.91 41.32
CA GLY F 66 15.21 -2.31 39.94
C GLY F 66 14.10 -1.86 39.01
N HIS F 67 14.37 -1.91 37.70
CA HIS F 67 13.43 -1.32 36.73
C HIS F 67 12.08 -2.06 36.69
N GLU F 68 12.12 -3.36 36.58
CA GLU F 68 10.88 -4.10 36.38
C GLU F 68 10.04 -4.06 37.67
N GLU F 69 10.68 -4.16 38.83
CA GLU F 69 9.96 -4.05 40.09
C GLU F 69 9.30 -2.68 40.28
N THR F 70 10.00 -1.62 39.88
CA THR F 70 9.42 -0.26 39.92
C THR F 70 8.24 -0.14 38.97
N VAL F 71 8.37 -0.77 37.80
CA VAL F 71 7.29 -0.71 36.79
C VAL F 71 6.09 -1.47 37.31
N SER F 72 6.32 -2.63 37.95
CA SER F 72 5.17 -3.41 38.47
C SER F 72 4.44 -2.66 39.59
N ARG F 73 5.21 -2.07 40.49
CA ARG F 73 4.62 -1.22 41.54
C ARG F 73 3.74 -0.09 41.04
N ILE F 74 4.19 0.60 39.98
CA ILE F 74 3.38 1.62 39.33
C ILE F 74 2.14 0.95 38.73
N GLN F 75 2.35 -0.13 37.98
CA GLN F 75 1.24 -0.84 37.35
C GLN F 75 0.25 -1.45 38.33
N GLY F 76 0.76 -1.99 39.45
CA GLY F 76 -0.09 -2.55 40.50
C GLY F 76 -1.11 -1.59 41.10
N GLN F 77 -0.95 -0.29 40.81
CA GLN F 77 -1.76 0.77 41.39
C GLN F 77 -2.95 1.14 40.54
N GLY F 78 -2.95 0.73 39.28
CA GLY F 78 -4.08 0.97 38.40
C GLY F 78 -4.13 2.41 37.88
N SER F 79 -5.33 2.99 37.92
CA SER F 79 -5.66 4.27 37.26
C SER F 79 -5.16 5.51 37.99
N CYS F 80 -5.06 5.42 39.32
CA CYS F 80 -4.63 6.54 40.16
C CYS F 80 -3.38 6.20 40.98
N VAL F 81 -2.33 7.02 40.85
CA VAL F 81 -1.10 6.72 41.59
C VAL F 81 -0.45 7.95 42.23
N SER F 82 0.14 7.72 43.40
CA SER F 82 1.00 8.68 44.04
C SER F 82 2.44 8.34 43.65
N LEU F 83 3.20 9.36 43.26
CA LEU F 83 4.62 9.23 42.89
C LEU F 83 5.39 10.36 43.58
N THR F 84 6.49 10.03 44.24
CA THR F 84 7.37 11.05 44.78
C THR F 84 8.63 11.16 43.88
N VAL F 85 8.97 12.40 43.51
CA VAL F 85 10.13 12.68 42.68
C VAL F 85 11.08 13.67 43.34
N VAL F 86 12.33 13.60 42.94
CA VAL F 86 13.32 14.58 43.34
C VAL F 86 13.83 15.25 42.08
N ASP F 87 13.67 16.56 42.04
CA ASP F 87 14.03 17.34 40.89
C ASP F 87 15.53 17.48 40.74
N PRO F 88 15.98 17.62 39.46
CA PRO F 88 17.37 17.86 39.13
C PRO F 88 17.70 19.36 39.21
N GLU F 89 19.00 19.68 39.18
CA GLU F 89 19.45 21.06 38.99
C GLU F 89 19.25 21.47 37.52
N ALA F 90 18.60 22.62 37.34
CA ALA F 90 18.31 23.21 36.02
C ALA F 90 19.54 23.29 35.12
N ASP F 91 20.70 23.55 35.75
CA ASP F 91 21.91 23.91 35.05
C ASP F 91 23.00 22.84 35.01
N ARG F 92 22.66 21.60 35.39
CA ARG F 92 23.57 20.45 35.22
C ARG F 92 23.14 19.57 34.08
N GLU F 93 22.81 20.21 32.97
CA GLU F 93 22.62 19.50 31.71
C GLU F 93 23.34 20.42 30.68
N THR F 94 24.12 19.85 29.76
CA THR F 94 24.79 20.66 28.74
C THR F 94 24.80 19.91 27.41
N SER F 95 24.39 20.61 26.37
CA SER F 95 24.46 20.07 25.03
C SER F 95 25.86 20.45 24.46
N VAL F 96 26.64 19.43 24.08
CA VAL F 96 27.98 19.63 23.51
C VAL F 96 28.05 19.09 22.07
S SO4 G . -17.63 -9.64 -57.63
O1 SO4 G . -17.48 -8.32 -56.97
O2 SO4 G . -18.49 -9.50 -58.81
O3 SO4 G . -16.32 -10.19 -57.99
O4 SO4 G . -18.31 -10.54 -56.70
S SO4 H . 12.95 4.40 -7.81
O1 SO4 H . 13.00 5.62 -6.98
O2 SO4 H . 12.09 4.65 -8.99
O3 SO4 H . 14.29 4.01 -8.25
O4 SO4 H . 12.43 3.33 -6.98
S SO4 I . 12.74 4.36 -3.07
O1 SO4 I . 12.45 4.90 -4.38
O2 SO4 I . 12.07 5.17 -2.05
O3 SO4 I . 12.30 2.97 -3.19
O4 SO4 I . 14.17 4.46 -2.74
#